data_2ZGX
#
_entry.id   2ZGX
#
_cell.length_a   70.42
_cell.length_b   71.45
_cell.length_c   72.46
_cell.angle_alpha   90.00
_cell.angle_beta   100.7
_cell.angle_gamma   90.00
#
_symmetry.space_group_name_H-M   'C 1 2 1'
#
loop_
_entity.id
_entity.type
_entity.pdbx_description
1 polymer 'Thrombin Light Chain'
2 polymer 'Thrombin heavy chain'
3 polymer 'Hirudin variant-1'
4 non-polymer 'SODIUM ION'
5 non-polymer 1-[(2R)-2-aminobutanoyl]-N-(4-carbamimidoylbenzyl)-L-prolinamide
6 water water
#
loop_
_entity_poly.entity_id
_entity_poly.type
_entity_poly.pdbx_seq_one_letter_code
_entity_poly.pdbx_strand_id
1 'polypeptide(L)' TFGSGEADCGLRPLFEKKSLEDKTERELLESYIDGR L
2 'polypeptide(L)'
;IVEGSDAEIGMSPWQVMLFRKSPQELLCGASLISDRWVLTAAHCLLYPPWDKNFTENDLLVRIGKHSRTRYERNIEKISM
LEKIYIHPRYNWRENLDRDIALMKLKKPVAFSDYIHPVCLPDRETAASLLQAGYKGRVTGWGNLKETWTANVGKGQPSVL
QVVNLPIVERPVCKDSTRIRITDNMFCAGYKPDEGKRGDACEGDSGGPFVMKSPFNNRWYQMGIVSWGEGCDRDGKYGFY
THVFRLKKWIQKVIDQFGE
;
H
3 'polypeptide(L)' GDFEEIPEE(TYS)L I
#
loop_
_chem_comp.id
_chem_comp.type
_chem_comp.name
_chem_comp.formula
29U non-polymer 1-[(2R)-2-aminobutanoyl]-N-(4-carbamimidoylbenzyl)-L-prolinamide 'C17 H25 N5 O2'
NA non-polymer 'SODIUM ION' 'Na 1'
#
# COMPACT_ATOMS: atom_id res chain seq x y z
N ALA A 7 -17.07 -0.41 -8.77
CA ALA A 7 -17.99 0.52 -9.40
C ALA A 7 -18.00 1.87 -8.67
N ASP A 8 -17.92 1.79 -7.35
CA ASP A 8 -17.82 2.96 -6.49
C ASP A 8 -16.38 3.08 -5.98
N CYS A 9 -15.47 2.32 -6.60
CA CYS A 9 -14.13 2.27 -6.04
C CYS A 9 -13.52 3.66 -5.96
N GLY A 10 -12.62 3.90 -5.02
CA GLY A 10 -11.77 5.06 -5.08
C GLY A 10 -12.48 6.36 -4.70
N LEU A 11 -13.75 6.31 -4.31
CA LEU A 11 -14.50 7.46 -3.85
C LEU A 11 -14.74 7.31 -2.35
N ARG A 12 -14.06 8.16 -1.58
CA ARG A 12 -14.11 7.95 -0.13
C ARG A 12 -15.39 8.55 0.46
N PRO A 13 -16.03 7.79 1.33
CA PRO A 13 -17.22 8.28 2.04
C PRO A 13 -17.00 9.59 2.74
N LEU A 14 -15.87 9.82 3.39
CA LEU A 14 -15.81 11.07 4.17
C LEU A 14 -15.21 12.21 3.35
N PHE A 15 -14.90 11.98 2.08
CA PHE A 15 -14.27 13.04 1.28
C PHE A 15 -14.99 13.16 -0.05
N GLU A 16 -14.59 12.41 -1.09
CA GLU A 16 -15.27 12.59 -2.37
C GLU A 16 -16.79 12.44 -2.29
N LYS A 17 -17.30 11.51 -1.49
CA LYS A 17 -18.74 11.26 -1.47
C LYS A 17 -19.53 12.44 -0.90
N LYS A 18 -18.90 13.27 -0.11
CA LYS A 18 -19.44 14.44 0.55
C LYS A 18 -18.93 15.74 -0.07
N SER A 19 -18.14 15.61 -1.12
CA SER A 19 -17.46 16.73 -1.76
C SER A 19 -16.59 17.51 -0.78
N LEU A 20 -15.90 16.78 0.10
CA LEU A 20 -14.91 17.40 0.97
C LEU A 20 -13.52 17.02 0.49
N GLU A 21 -12.57 17.95 0.58
CA GLU A 21 -11.19 17.64 0.20
C GLU A 21 -10.35 17.38 1.43
N ASP A 22 -9.39 16.45 1.35
CA ASP A 22 -8.45 16.28 2.46
C ASP A 22 -7.37 17.35 2.40
N LYS A 23 -6.59 17.50 3.48
CA LYS A 23 -5.69 18.66 3.49
C LYS A 23 -4.54 18.59 2.50
N THR A 24 -4.22 17.49 1.82
CA THR A 24 -3.04 17.64 0.96
C THR A 24 -3.28 17.11 -0.44
N GLU A 25 -4.52 16.70 -0.75
CA GLU A 25 -4.70 16.18 -2.11
C GLU A 25 -4.46 17.25 -3.16
N ARG A 26 -4.60 18.53 -2.86
CA ARG A 26 -4.29 19.52 -3.86
C ARG A 26 -2.83 19.49 -4.31
N GLU A 27 -1.90 19.16 -3.41
CA GLU A 27 -0.51 18.95 -3.82
C GLU A 27 -0.40 17.94 -4.96
N LEU A 28 -1.17 16.84 -4.91
CA LEU A 28 -1.13 15.88 -6.02
C LEU A 28 -1.68 16.46 -7.31
N LEU A 29 -2.85 17.10 -7.20
CA LEU A 29 -3.48 17.72 -8.36
C LEU A 29 -2.49 18.71 -9.03
N GLU A 30 -1.85 19.53 -8.21
CA GLU A 30 -0.94 20.54 -8.78
C GLU A 30 0.26 19.94 -9.47
N SER A 31 0.64 18.70 -9.15
CA SER A 31 1.77 18.06 -9.83
C SER A 31 1.38 17.42 -11.15
N TYR A 32 0.07 17.33 -11.41
CA TYR A 32 -0.40 16.65 -12.64
C TYR A 32 -0.51 17.70 -13.75
N ILE A 33 0.62 18.03 -14.31
CA ILE A 33 1.16 19.20 -14.95
C ILE A 33 0.73 19.39 -16.40
N ILE B 1 6.48 5.09 7.76
CA ILE B 1 6.64 6.30 6.97
C ILE B 1 7.56 7.30 7.65
N VAL B 2 8.58 7.75 6.97
CA VAL B 2 9.47 8.77 7.51
C VAL B 2 9.15 10.16 6.95
N GLU B 3 9.00 11.16 7.82
CA GLU B 3 8.73 12.55 7.47
C GLU B 3 7.37 12.71 6.81
N GLY B 4 6.41 11.91 7.28
CA GLY B 4 5.04 11.99 6.77
C GLY B 4 4.20 12.70 7.83
N SER B 5 2.89 12.64 7.72
CA SER B 5 2.01 13.24 8.73
C SER B 5 0.93 12.28 9.21
N ASP B 6 0.25 12.62 10.32
CA ASP B 6 -0.87 11.78 10.73
C ASP B 6 -1.94 11.82 9.65
N ALA B 7 -2.52 10.68 9.30
CA ALA B 7 -3.63 10.68 8.38
C ALA B 7 -4.85 11.36 8.99
N GLU B 8 -5.70 11.93 8.16
CA GLU B 8 -7.04 12.36 8.58
C GLU B 8 -7.95 11.15 8.71
N ILE B 9 -8.99 11.22 9.55
CA ILE B 9 -9.97 10.15 9.65
C ILE B 9 -10.61 9.83 8.30
N GLY B 10 -10.61 8.55 7.89
CA GLY B 10 -11.25 8.23 6.62
C GLY B 10 -10.49 8.61 5.37
N MET B 11 -9.25 9.09 5.50
CA MET B 11 -8.47 9.53 4.34
C MET B 11 -8.01 8.39 3.43
N SER B 12 -7.84 7.19 4.01
CA SER B 12 -7.35 6.06 3.20
C SER B 12 -8.12 4.81 3.57
N PRO B 13 -9.39 4.77 3.21
CA PRO B 13 -10.27 3.74 3.78
C PRO B 13 -10.09 2.37 3.14
N TRP B 14 -9.21 2.28 2.15
CA TRP B 14 -8.74 1.04 1.56
C TRP B 14 -7.51 0.49 2.29
N GLN B 15 -6.96 1.20 3.26
CA GLN B 15 -5.79 0.77 3.99
C GLN B 15 -6.08 -0.48 4.83
N VAL B 16 -5.20 -1.47 4.67
CA VAL B 16 -5.40 -2.74 5.39
C VAL B 16 -4.15 -2.99 6.24
N MET B 17 -4.37 -3.51 7.44
CA MET B 17 -3.22 -3.92 8.25
C MET B 17 -3.14 -5.44 8.21
N LEU B 18 -2.06 -6.04 7.73
CA LEU B 18 -1.82 -7.48 7.84
C LEU B 18 -1.30 -7.73 9.25
N PHE B 19 -2.00 -8.56 10.01
CA PHE B 19 -1.76 -8.70 11.45
C PHE B 19 -1.36 -10.12 11.83
N ARG B 20 -0.25 -10.25 12.54
CA ARG B 20 0.18 -11.61 12.93
C ARG B 20 -0.54 -12.00 14.20
N LYS B 21 -1.09 -13.22 14.24
CA LYS B 21 -1.87 -13.68 15.38
C LYS B 21 -1.02 -13.98 16.62
N SER B 22 0.16 -14.54 16.42
CA SER B 22 0.99 -14.96 17.55
C SER B 22 2.47 -14.96 17.18
N PRO B 23 3.27 -14.08 17.75
CA PRO B 23 2.81 -13.04 18.68
C PRO B 23 2.13 -11.90 17.93
N GLN B 24 1.25 -11.20 18.63
CA GLN B 24 0.31 -10.23 18.05
C GLN B 24 1.09 -9.00 17.65
N GLU B 25 1.18 -8.78 16.33
CA GLU B 25 2.05 -7.69 15.92
C GLU B 25 1.80 -7.32 14.45
N LEU B 26 2.20 -6.10 14.10
CA LEU B 26 2.03 -5.72 12.70
C LEU B 26 2.95 -6.59 11.84
N LEU B 27 2.42 -7.02 10.69
CA LEU B 27 3.21 -7.77 9.73
C LEU B 27 3.53 -6.89 8.53
N CYS B 28 2.55 -6.11 8.06
CA CYS B 28 2.71 -5.38 6.80
C CYS B 28 1.50 -4.49 6.54
N GLY B 29 1.59 -3.66 5.52
CA GLY B 29 0.38 -3.00 5.03
C GLY B 29 -0.21 -3.80 3.88
N ALA B 30 -1.32 -3.31 3.35
CA ALA B 30 -2.09 -3.95 2.30
C ALA B 30 -3.24 -3.06 1.86
N SER B 31 -4.01 -3.47 0.85
CA SER B 31 -5.10 -2.59 0.43
C SER B 31 -6.34 -3.39 0.04
N LEU B 32 -7.50 -2.77 0.29
CA LEU B 32 -8.79 -3.39 -0.08
C LEU B 32 -9.17 -3.04 -1.51
N ILE B 33 -9.38 -4.07 -2.33
CA ILE B 33 -9.69 -3.79 -3.72
C ILE B 33 -11.10 -4.26 -4.07
N SER B 34 -11.78 -4.95 -3.18
CA SER B 34 -13.19 -5.32 -3.40
C SER B 34 -13.75 -5.74 -2.05
N ASP B 35 -14.98 -6.26 -1.96
CA ASP B 35 -15.39 -6.58 -0.57
C ASP B 35 -14.76 -7.87 -0.09
N ARG B 36 -14.07 -8.61 -0.98
CA ARG B 36 -13.32 -9.73 -0.38
C ARG B 36 -11.94 -9.98 -0.96
N TRP B 37 -11.29 -9.03 -1.62
CA TRP B 37 -9.92 -9.26 -2.12
C TRP B 37 -8.99 -8.19 -1.56
N VAL B 38 -7.82 -8.58 -1.06
CA VAL B 38 -6.88 -7.65 -0.44
C VAL B 38 -5.56 -7.80 -1.20
N LEU B 39 -4.93 -6.69 -1.53
CA LEU B 39 -3.69 -6.70 -2.31
C LEU B 39 -2.51 -6.38 -1.42
N THR B 40 -1.36 -7.05 -1.62
CA THR B 40 -0.20 -6.74 -0.78
C THR B 40 1.09 -7.05 -1.56
N ALA B 41 2.22 -6.96 -0.89
CA ALA B 41 3.48 -7.35 -1.53
C ALA B 41 3.78 -8.81 -1.22
N ALA B 42 4.31 -9.54 -2.20
CA ALA B 42 4.63 -10.96 -1.97
C ALA B 42 5.60 -11.13 -0.82
N HIS B 43 6.58 -10.23 -0.65
CA HIS B 43 7.62 -10.39 0.36
C HIS B 43 7.03 -10.31 1.77
N CYS B 44 5.82 -9.80 1.91
CA CYS B 44 5.14 -9.79 3.19
C CYS B 44 4.80 -11.20 3.65
N LEU B 45 4.65 -12.06 2.66
CA LEU B 45 4.18 -13.40 2.94
C LEU B 45 5.26 -14.45 2.72
N LEU B 46 6.13 -14.22 1.74
CA LEU B 46 7.11 -15.23 1.36
C LEU B 46 8.47 -14.57 1.16
N TYR B 47 9.45 -14.88 1.99
CA TYR B 47 10.78 -14.33 1.81
C TYR B 47 11.82 -15.20 2.53
N PRO B 48 12.12 -16.30 1.84
CA PRO B 48 13.00 -17.37 2.32
C PRO B 48 14.33 -16.90 2.86
N PRO B 49 15.02 -15.89 2.36
CA PRO B 49 16.23 -15.45 3.03
C PRO B 49 16.05 -15.09 4.49
N TRP B 50 14.84 -14.67 4.83
CA TRP B 50 14.63 -14.30 6.24
C TRP B 50 13.75 -15.34 6.93
N ASP B 51 13.63 -16.52 6.30
CA ASP B 51 12.77 -17.60 6.76
C ASP B 51 11.33 -17.13 7.01
N LYS B 52 10.80 -16.36 6.07
CA LYS B 52 9.40 -15.92 6.12
C LYS B 52 8.54 -16.67 5.11
N ASN B 53 7.53 -17.38 5.63
CA ASN B 53 6.63 -18.16 4.80
C ASN B 53 5.28 -18.31 5.50
N PHE B 54 4.41 -17.32 5.41
CA PHE B 54 3.16 -17.38 6.15
C PHE B 54 2.05 -18.12 5.42
N THR B 55 1.29 -18.90 6.21
CA THR B 55 0.12 -19.60 5.73
C THR B 55 -1.10 -18.76 6.11
N GLU B 56 -2.19 -18.99 5.44
CA GLU B 56 -3.47 -18.35 5.73
C GLU B 56 -3.77 -18.30 7.23
N ASN B 57 -3.66 -19.42 7.92
CA ASN B 57 -4.05 -19.44 9.33
C ASN B 57 -3.09 -18.67 10.20
N ASP B 58 -1.96 -18.22 9.64
CA ASP B 58 -1.06 -17.44 10.48
C ASP B 58 -1.54 -16.00 10.66
N LEU B 59 -2.48 -15.58 9.82
CA LEU B 59 -2.74 -14.15 9.70
C LEU B 59 -4.21 -13.74 9.75
N LEU B 60 -4.39 -12.48 10.11
CA LEU B 60 -5.61 -11.70 10.07
C LEU B 60 -5.40 -10.40 9.29
N VAL B 61 -6.51 -9.95 8.72
CA VAL B 61 -6.64 -8.67 8.03
C VAL B 61 -7.51 -7.72 8.85
N ARG B 62 -6.94 -6.57 9.21
CA ARG B 62 -7.65 -5.53 9.94
C ARG B 62 -7.88 -4.29 9.05
N ILE B 63 -9.14 -3.98 8.83
CA ILE B 63 -9.62 -3.02 7.83
C ILE B 63 -10.37 -1.91 8.56
N GLY B 64 -10.19 -0.66 8.12
CA GLY B 64 -10.86 0.45 8.74
C GLY B 64 -10.03 1.09 9.83
N LYS B 65 -8.74 0.79 9.94
CA LYS B 65 -7.99 1.27 11.09
C LYS B 65 -7.43 2.67 10.91
N HIS B 66 -7.15 3.29 12.05
CA HIS B 66 -6.44 4.56 12.17
C HIS B 66 -5.31 4.39 13.18
N SER B 67 -5.72 4.09 14.40
CA SER B 67 -4.73 3.79 15.42
C SER B 67 -3.93 2.53 15.09
N ARG B 68 -2.63 2.53 15.32
CA ARG B 68 -1.78 1.37 15.05
C ARG B 68 -2.04 0.20 16.00
N THR B 69 -1.88 0.46 17.30
CA THR B 69 -1.93 -0.62 18.29
C THR B 69 -3.29 -0.89 18.88
N ARG B 70 -4.19 0.10 18.85
CA ARG B 70 -5.42 -0.09 19.61
C ARG B 70 -6.45 -0.93 18.90
N TYR B 71 -7.33 -1.58 19.66
CA TYR B 71 -8.43 -2.27 19.01
C TYR B 71 -9.57 -1.28 18.80
N GLU B 72 -9.94 -0.97 17.56
CA GLU B 72 -10.84 0.16 17.32
C GLU B 72 -12.28 -0.29 17.17
N ARG B 73 -12.83 -0.49 18.37
CA ARG B 73 -14.19 -0.94 18.62
C ARG B 73 -15.24 -0.15 17.84
N ASN B 74 -16.04 -0.87 17.07
CA ASN B 74 -17.16 -0.39 16.31
C ASN B 74 -16.71 0.27 15.01
N ILE B 75 -15.41 0.17 14.71
CA ILE B 75 -14.86 0.87 13.55
C ILE B 75 -14.05 -0.08 12.69
N GLU B 76 -13.00 -0.69 13.25
CA GLU B 76 -12.28 -1.66 12.40
C GLU B 76 -13.09 -2.95 12.29
N LYS B 77 -12.72 -3.71 11.26
CA LYS B 77 -13.24 -5.02 10.96
C LYS B 77 -12.06 -5.98 10.76
N ILE B 78 -12.14 -7.16 11.37
CA ILE B 78 -11.02 -8.10 11.35
C ILE B 78 -11.49 -9.35 10.61
N SER B 79 -10.78 -9.72 9.57
CA SER B 79 -11.18 -10.79 8.66
C SER B 79 -10.14 -11.90 8.60
N MET B 80 -10.64 -13.10 8.35
CA MET B 80 -9.77 -14.26 8.18
C MET B 80 -9.48 -14.50 6.70
N LEU B 81 -8.33 -15.11 6.48
CA LEU B 81 -7.88 -15.43 5.14
C LEU B 81 -8.41 -16.80 4.73
N GLU B 82 -9.02 -16.82 3.57
CA GLU B 82 -9.42 -18.01 2.86
C GLU B 82 -8.23 -18.54 2.06
N LYS B 83 -7.49 -17.65 1.37
CA LYS B 83 -6.43 -18.17 0.53
C LYS B 83 -5.49 -17.06 0.10
N ILE B 84 -4.20 -17.40 0.04
CA ILE B 84 -3.17 -16.49 -0.45
C ILE B 84 -2.81 -16.85 -1.88
N TYR B 85 -2.57 -15.91 -2.78
CA TYR B 85 -2.06 -16.16 -4.12
C TYR B 85 -0.84 -15.29 -4.36
N ILE B 86 0.31 -15.94 -4.53
CA ILE B 86 1.50 -15.11 -4.81
C ILE B 86 1.87 -15.19 -6.28
N HIS B 87 2.39 -14.11 -6.86
CA HIS B 87 2.75 -14.20 -8.27
C HIS B 87 3.70 -15.37 -8.52
N PRO B 88 3.44 -16.23 -9.50
CA PRO B 88 4.31 -17.39 -9.75
C PRO B 88 5.73 -17.00 -10.17
N ARG B 89 5.95 -15.80 -10.71
CA ARG B 89 7.32 -15.41 -11.06
C ARG B 89 7.82 -14.29 -10.18
N TYR B 90 7.23 -14.12 -9.00
CA TYR B 90 7.88 -13.26 -8.00
C TYR B 90 9.32 -13.63 -7.74
N ASN B 91 10.24 -12.68 -7.87
CA ASN B 91 11.69 -12.98 -7.83
C ASN B 91 12.30 -12.56 -6.50
N TRP B 92 12.11 -13.43 -5.49
CA TRP B 92 12.66 -13.19 -4.16
C TRP B 92 14.16 -13.45 -4.16
N ARG B 93 14.61 -14.22 -5.17
CA ARG B 93 16.03 -14.61 -5.14
C ARG B 93 16.91 -13.42 -5.46
N GLU B 94 16.44 -12.58 -6.38
CA GLU B 94 17.32 -11.49 -6.79
C GLU B 94 16.86 -10.12 -6.38
N ASN B 95 15.86 -9.58 -7.10
CA ASN B 95 15.53 -8.17 -6.85
C ASN B 95 14.07 -7.92 -6.44
N LEU B 96 13.30 -8.90 -6.00
CA LEU B 96 11.89 -8.67 -5.64
C LEU B 96 11.05 -8.29 -6.84
N ASP B 97 11.51 -8.64 -8.04
CA ASP B 97 10.66 -8.41 -9.22
C ASP B 97 9.29 -9.05 -9.07
N ARG B 98 8.23 -8.42 -9.55
CA ARG B 98 6.86 -8.91 -9.42
C ARG B 98 6.50 -9.18 -7.96
N ASP B 99 6.76 -8.19 -7.11
CA ASP B 99 6.47 -8.27 -5.68
C ASP B 99 5.00 -7.97 -5.39
N ILE B 100 4.16 -8.98 -5.58
CA ILE B 100 2.72 -8.80 -5.48
C ILE B 100 2.05 -10.11 -5.09
N ALA B 101 1.02 -9.99 -4.26
CA ALA B 101 0.25 -11.14 -3.81
C ALA B 101 -1.19 -10.68 -3.58
N LEU B 102 -2.13 -11.59 -3.78
CA LEU B 102 -3.53 -11.36 -3.41
C LEU B 102 -3.97 -12.23 -2.26
N MET B 103 -4.94 -11.74 -1.48
CA MET B 103 -5.52 -12.51 -0.39
C MET B 103 -7.04 -12.51 -0.53
N LYS B 104 -7.65 -13.67 -0.55
CA LYS B 104 -9.11 -13.78 -0.59
C LYS B 104 -9.64 -13.98 0.83
N LEU B 105 -10.63 -13.16 1.22
CA LEU B 105 -11.18 -13.21 2.56
C LEU B 105 -12.22 -14.33 2.70
N LYS B 106 -12.33 -14.86 3.90
CA LYS B 106 -13.34 -15.89 4.13
C LYS B 106 -14.75 -15.37 3.89
N LYS B 107 -15.02 -14.15 4.31
CA LYS B 107 -16.33 -13.54 4.18
C LYS B 107 -16.19 -12.11 3.65
N PRO B 108 -17.18 -11.66 2.92
CA PRO B 108 -17.14 -10.28 2.38
C PRO B 108 -17.11 -9.29 3.53
N VAL B 109 -16.41 -8.18 3.35
CA VAL B 109 -16.37 -7.16 4.41
C VAL B 109 -17.45 -6.12 4.14
N ALA B 110 -18.04 -5.55 5.19
CA ALA B 110 -19.04 -4.51 4.99
C ALA B 110 -18.38 -3.13 4.86
N PHE B 111 -18.73 -2.46 3.76
CA PHE B 111 -18.14 -1.13 3.56
C PHE B 111 -18.67 -0.19 4.60
N SER B 112 -17.97 0.90 4.89
CA SER B 112 -18.47 1.85 5.90
C SER B 112 -17.82 3.20 5.62
N ASP B 113 -17.94 4.13 6.55
CA ASP B 113 -17.26 5.40 6.31
C ASP B 113 -15.75 5.20 6.34
N TYR B 114 -15.27 4.12 6.98
CA TYR B 114 -13.85 3.95 7.19
C TYR B 114 -13.24 2.80 6.35
N ILE B 115 -14.10 2.09 5.64
CA ILE B 115 -13.77 0.90 4.85
C ILE B 115 -14.38 0.98 3.46
N HIS B 116 -13.51 1.06 2.45
CA HIS B 116 -13.96 1.27 1.07
C HIS B 116 -12.85 0.91 0.10
N PRO B 117 -13.12 0.25 -1.00
CA PRO B 117 -12.02 -0.18 -1.87
C PRO B 117 -11.49 0.93 -2.78
N VAL B 118 -10.22 0.77 -3.12
CA VAL B 118 -9.53 1.69 -4.01
C VAL B 118 -9.65 1.12 -5.41
N CYS B 119 -9.50 1.91 -6.48
CA CYS B 119 -9.56 1.36 -7.80
C CYS B 119 -8.20 0.84 -8.26
N LEU B 120 -8.23 -0.10 -9.20
CA LEU B 120 -6.97 -0.47 -9.86
C LEU B 120 -6.91 0.15 -11.24
N PRO B 121 -5.75 0.60 -11.68
CA PRO B 121 -5.66 1.36 -12.92
C PRO B 121 -5.96 0.54 -14.18
N ASP B 122 -6.51 1.21 -15.16
CA ASP B 122 -6.58 0.69 -16.53
C ASP B 122 -5.38 1.27 -17.26
N ARG B 123 -5.04 0.79 -18.42
CA ARG B 123 -3.92 1.28 -19.20
C ARG B 123 -3.88 2.79 -19.39
N GLU B 124 -5.03 3.42 -19.62
CA GLU B 124 -5.03 4.87 -19.92
C GLU B 124 -4.74 5.69 -18.68
N THR B 125 -5.39 5.35 -17.55
CA THR B 125 -5.06 6.08 -16.32
C THR B 125 -3.58 5.91 -15.97
N ALA B 126 -3.07 4.68 -16.10
CA ALA B 126 -1.65 4.44 -15.86
C ALA B 126 -0.77 5.25 -16.80
N ALA B 127 -1.18 5.26 -18.07
CA ALA B 127 -0.26 5.97 -18.97
C ALA B 127 -0.32 7.45 -18.65
N SER B 128 -1.53 7.91 -18.31
CA SER B 128 -1.60 9.34 -18.05
C SER B 128 -0.94 9.74 -16.75
N LEU B 129 -0.97 8.88 -15.73
CA LEU B 129 -0.55 9.36 -14.41
C LEU B 129 0.84 8.93 -13.99
N LEU B 130 1.34 7.82 -14.51
CA LEU B 130 2.70 7.43 -14.12
C LEU B 130 3.76 8.21 -14.89
N GLN B 131 3.98 9.46 -14.57
CA GLN B 131 4.96 10.31 -15.21
C GLN B 131 5.87 10.96 -14.17
N ALA B 132 7.16 11.03 -14.49
CA ALA B 132 8.10 11.65 -13.56
C ALA B 132 7.59 13.01 -13.09
N GLY B 133 7.64 13.33 -11.82
CA GLY B 133 7.19 14.58 -11.25
C GLY B 133 5.77 14.55 -10.70
N TYR B 134 4.94 13.66 -11.24
CA TYR B 134 3.59 13.49 -10.75
C TYR B 134 3.62 12.80 -9.38
N LYS B 135 2.90 13.37 -8.43
CA LYS B 135 2.96 12.87 -7.07
C LYS B 135 1.87 11.83 -6.79
N GLY B 136 2.23 10.87 -5.95
CA GLY B 136 1.28 9.91 -5.40
C GLY B 136 1.40 9.99 -3.88
N ARG B 137 0.64 9.11 -3.24
CA ARG B 137 0.49 9.14 -1.80
C ARG B 137 0.73 7.75 -1.24
N VAL B 138 1.59 7.70 -0.21
CA VAL B 138 1.89 6.41 0.42
C VAL B 138 1.46 6.47 1.89
N THR B 139 0.88 5.40 2.41
CA THR B 139 0.35 5.38 3.76
C THR B 139 0.79 4.13 4.49
N GLY B 140 0.95 4.20 5.83
CA GLY B 140 1.32 2.95 6.49
C GLY B 140 1.58 3.15 7.98
N TRP B 141 1.71 2.06 8.73
CA TRP B 141 2.00 2.13 10.16
C TRP B 141 3.44 1.78 10.46
N GLY B 142 4.33 1.91 9.48
CA GLY B 142 5.71 1.48 9.63
C GLY B 142 6.59 2.51 10.31
N ASN B 143 7.89 2.17 10.40
CA ASN B 143 8.81 3.00 11.13
C ASN B 143 8.80 4.45 10.69
N LEU B 144 8.95 5.27 11.72
CA LEU B 144 9.10 6.70 11.54
C LEU B 144 10.51 7.07 11.12
N LYS B 145 11.47 6.16 11.37
CA LYS B 145 12.81 6.47 10.87
C LYS B 145 13.56 5.14 10.68
N GLU B 146 14.66 5.20 9.96
CA GLU B 146 15.47 4.07 9.57
C GLU B 146 16.10 3.36 10.77
N GLY B 155 9.79 5.93 16.80
CA GLY B 155 10.06 4.97 15.74
C GLY B 155 8.83 4.34 15.11
N GLN B 156 7.86 4.01 15.98
CA GLN B 156 6.56 3.51 15.55
C GLN B 156 5.47 4.55 15.86
N PRO B 157 4.60 4.82 14.88
CA PRO B 157 3.59 5.88 15.06
C PRO B 157 2.39 5.43 15.86
N SER B 158 1.74 6.44 16.47
CA SER B 158 0.47 6.14 17.12
C SER B 158 -0.66 6.00 16.11
N VAL B 159 -0.64 6.77 15.02
CA VAL B 159 -1.72 6.57 14.03
C VAL B 159 -1.17 6.47 12.60
N LEU B 160 -2.03 6.09 11.67
CA LEU B 160 -1.70 5.99 10.26
C LEU B 160 -0.97 7.25 9.78
N GLN B 161 0.13 7.01 9.08
CA GLN B 161 0.97 8.08 8.55
C GLN B 161 0.76 8.22 7.04
N VAL B 162 0.91 9.44 6.55
CA VAL B 162 0.71 9.76 5.13
C VAL B 162 1.87 10.59 4.59
N VAL B 163 2.30 10.32 3.36
CA VAL B 163 3.29 11.21 2.72
C VAL B 163 3.04 11.25 1.22
N ASN B 164 3.11 12.44 0.61
CA ASN B 164 3.01 12.55 -0.85
C ASN B 164 4.41 12.66 -1.45
N LEU B 165 4.64 11.94 -2.54
CA LEU B 165 5.95 11.82 -3.17
C LEU B 165 5.87 11.76 -4.68
N PRO B 166 6.78 12.47 -5.34
CA PRO B 166 6.82 12.47 -6.79
C PRO B 166 7.50 11.23 -7.37
N ILE B 167 6.91 10.75 -8.45
CA ILE B 167 7.50 9.65 -9.22
C ILE B 167 8.82 10.17 -9.77
N VAL B 168 9.82 9.29 -9.91
CA VAL B 168 11.14 9.73 -10.36
C VAL B 168 11.47 9.12 -11.71
N GLU B 169 12.18 9.84 -12.56
CA GLU B 169 12.51 9.32 -13.89
C GLU B 169 13.28 8.02 -13.79
N ARG B 170 13.04 7.07 -14.68
CA ARG B 170 13.66 5.75 -14.65
C ARG B 170 15.19 5.81 -14.64
N PRO B 171 15.88 6.61 -15.43
CA PRO B 171 17.35 6.67 -15.30
C PRO B 171 17.83 7.09 -13.93
N VAL B 172 17.15 8.02 -13.26
CA VAL B 172 17.55 8.43 -11.93
C VAL B 172 17.37 7.29 -10.92
N CYS B 173 16.27 6.55 -11.06
CA CYS B 173 15.99 5.36 -10.25
C CYS B 173 17.15 4.38 -10.39
N LYS B 174 17.49 4.12 -11.66
CA LYS B 174 18.52 3.12 -11.94
C LYS B 174 19.87 3.55 -11.40
N ASP B 175 20.18 4.83 -11.58
CA ASP B 175 21.49 5.33 -11.12
C ASP B 175 21.59 5.47 -9.63
N SER B 176 20.51 5.22 -8.89
CA SER B 176 20.60 5.43 -7.47
C SER B 176 20.93 4.15 -6.70
N THR B 177 21.07 3.01 -7.38
CA THR B 177 21.23 1.69 -6.79
C THR B 177 22.03 0.73 -7.65
N ARG B 178 22.63 -0.27 -7.01
CA ARG B 178 23.32 -1.32 -7.75
C ARG B 178 22.33 -2.41 -8.11
N ILE B 179 21.12 -2.36 -7.51
CA ILE B 179 20.18 -3.44 -7.82
C ILE B 179 19.59 -3.31 -9.22
N ARG B 180 19.31 -4.47 -9.84
CA ARG B 180 18.75 -4.43 -11.19
C ARG B 180 17.26 -4.10 -11.12
N ILE B 181 16.87 -3.04 -11.80
CA ILE B 181 15.49 -2.54 -11.81
C ILE B 181 14.72 -3.10 -12.98
N THR B 182 13.42 -3.40 -12.83
CA THR B 182 12.67 -3.97 -13.94
C THR B 182 11.50 -3.06 -14.29
N ASP B 183 10.84 -3.41 -15.41
CA ASP B 183 9.67 -2.69 -15.87
C ASP B 183 8.51 -2.88 -14.89
N ASN B 184 8.63 -3.80 -13.95
CA ASN B 184 7.55 -4.05 -12.99
C ASN B 184 7.74 -3.24 -11.72
N MET B 185 8.65 -2.26 -11.77
CA MET B 185 8.91 -1.41 -10.63
C MET B 185 8.92 0.05 -11.08
N PHE B 186 8.63 0.93 -10.14
CA PHE B 186 8.92 2.36 -10.35
C PHE B 186 9.46 2.91 -9.03
N CYS B 187 10.18 4.04 -9.13
CA CYS B 187 10.64 4.59 -7.84
C CYS B 187 10.04 5.98 -7.64
N ALA B 188 10.02 6.43 -6.38
CA ALA B 188 9.44 7.72 -6.02
C ALA B 188 10.15 8.33 -4.83
N GLY B 189 10.10 9.66 -4.73
CA GLY B 189 10.86 10.32 -3.68
C GLY B 189 11.46 11.61 -4.21
N TYR B 190 11.76 12.50 -3.28
CA TYR B 190 12.38 13.77 -3.65
C TYR B 190 13.88 13.64 -3.88
N LYS B 191 14.43 14.44 -4.78
CA LYS B 191 15.89 14.47 -4.95
C LYS B 191 16.53 15.25 -3.81
N PRO B 192 17.84 15.14 -3.61
CA PRO B 192 18.48 15.91 -2.55
C PRO B 192 18.26 17.40 -2.72
N ASP B 193 18.38 17.87 -3.97
CA ASP B 193 18.27 19.31 -4.20
C ASP B 193 16.83 19.82 -4.20
N GLU B 194 15.84 18.95 -3.95
CA GLU B 194 14.46 19.43 -4.01
C GLU B 194 14.01 19.83 -2.61
N GLY B 195 14.92 19.61 -1.66
CA GLY B 195 14.72 20.01 -0.28
C GLY B 195 13.74 19.18 0.52
N LYS B 196 12.51 19.01 0.06
CA LYS B 196 11.52 18.21 0.80
C LYS B 196 12.00 16.77 0.96
N ARG B 197 11.42 16.03 1.92
CA ARG B 197 11.82 14.62 1.93
C ARG B 197 10.64 13.73 2.32
N GLY B 198 10.91 12.46 2.62
CA GLY B 198 9.82 11.55 2.98
C GLY B 198 10.06 10.22 2.30
N ASP B 199 9.56 9.13 2.91
CA ASP B 199 9.79 7.82 2.30
C ASP B 199 8.92 6.82 3.03
N ALA B 200 8.68 5.68 2.38
CA ALA B 200 8.13 4.56 3.11
C ALA B 200 9.28 3.93 3.91
N CYS B 201 8.93 2.99 4.76
CA CYS B 201 10.02 2.35 5.53
C CYS B 201 9.55 0.98 5.95
N GLU B 202 10.42 0.25 6.64
CA GLU B 202 10.09 -1.09 7.14
CA GLU B 202 10.06 -1.10 7.10
C GLU B 202 8.75 -1.05 7.86
N GLY B 203 7.88 -2.04 7.60
CA GLY B 203 6.56 -2.06 8.21
C GLY B 203 5.51 -1.44 7.29
N ASP B 204 5.93 -0.60 6.35
CA ASP B 204 5.06 -0.03 5.34
C ASP B 204 4.83 -0.98 4.15
N SER B 205 5.72 -1.96 4.05
CA SER B 205 5.66 -3.05 3.09
C SER B 205 4.24 -3.46 2.77
N GLY B 206 3.92 -3.58 1.48
CA GLY B 206 2.63 -4.10 1.05
C GLY B 206 1.54 -3.04 0.95
N GLY B 207 1.75 -1.86 1.52
CA GLY B 207 0.80 -0.77 1.46
C GLY B 207 0.74 -0.09 0.11
N PRO B 208 -0.26 0.77 -0.07
CA PRO B 208 -0.49 1.33 -1.39
C PRO B 208 0.16 2.70 -1.64
N PHE B 209 0.56 2.85 -2.90
CA PHE B 209 0.95 4.10 -3.53
C PHE B 209 -0.24 4.50 -4.41
N VAL B 210 -0.97 5.55 -4.00
CA VAL B 210 -2.19 5.89 -4.75
C VAL B 210 -2.08 7.26 -5.42
N MET B 211 -2.87 7.44 -6.48
CA MET B 211 -2.91 8.75 -7.14
C MET B 211 -4.36 9.13 -7.35
N LYS B 212 -4.67 10.43 -7.29
CA LYS B 212 -6.09 10.77 -7.48
C LYS B 212 -6.29 11.21 -8.92
N SER B 213 -7.07 10.48 -9.69
CA SER B 213 -7.16 10.86 -11.11
C SER B 213 -7.88 12.20 -11.27
N PRO B 214 -7.28 13.11 -12.04
CA PRO B 214 -7.91 14.42 -12.27
C PRO B 214 -9.02 14.35 -13.31
N PHE B 215 -9.15 13.19 -13.95
CA PHE B 215 -10.18 13.02 -14.97
C PHE B 215 -11.50 12.60 -14.35
N ASN B 216 -11.48 11.68 -13.37
CA ASN B 216 -12.77 11.22 -12.83
C ASN B 216 -12.83 11.36 -11.31
N ASN B 217 -11.78 11.95 -10.74
CA ASN B 217 -11.67 12.25 -9.31
C ASN B 217 -11.73 11.02 -8.43
N ARG B 218 -11.29 9.88 -8.96
CA ARG B 218 -11.17 8.68 -8.15
C ARG B 218 -9.71 8.34 -7.83
N TRP B 219 -9.55 7.66 -6.70
CA TRP B 219 -8.25 7.18 -6.30
C TRP B 219 -7.96 5.79 -6.87
N TYR B 220 -6.77 5.75 -7.46
CA TYR B 220 -6.20 4.55 -8.03
C TYR B 220 -4.91 4.11 -7.35
N GLN B 221 -4.79 2.80 -7.14
CA GLN B 221 -3.55 2.29 -6.58
C GLN B 221 -2.59 1.93 -7.71
N MET B 222 -1.56 2.77 -7.86
CA MET B 222 -0.57 2.57 -8.89
C MET B 222 0.60 1.70 -8.43
N GLY B 223 0.85 1.67 -7.12
CA GLY B 223 2.07 0.99 -6.66
C GLY B 223 1.81 0.25 -5.35
N ILE B 224 2.75 -0.64 -5.01
CA ILE B 224 2.74 -1.32 -3.73
C ILE B 224 4.09 -1.13 -3.07
N VAL B 225 4.15 -0.75 -1.79
CA VAL B 225 5.46 -0.53 -1.15
C VAL B 225 6.28 -1.80 -1.22
N SER B 226 7.46 -1.73 -1.84
CA SER B 226 8.20 -2.99 -2.02
C SER B 226 9.58 -2.97 -1.39
N TRP B 227 10.44 -2.01 -1.76
CA TRP B 227 11.78 -2.08 -1.19
C TRP B 227 12.46 -0.72 -1.27
N GLY B 228 13.53 -0.60 -0.49
CA GLY B 228 14.31 0.64 -0.46
C GLY B 228 15.58 0.30 0.32
N GLU B 229 16.61 1.09 0.09
CA GLU B 229 17.90 0.90 0.75
C GLU B 229 18.00 1.94 1.86
N GLY B 230 17.72 1.47 3.07
CA GLY B 230 17.55 2.39 4.18
C GLY B 230 16.19 3.07 4.03
N CYS B 231 16.00 4.20 4.72
CA CYS B 231 14.72 4.92 4.56
C CYS B 231 15.02 6.42 4.52
N ASP B 232 14.46 7.12 3.55
CA ASP B 232 14.61 8.57 3.45
C ASP B 232 16.08 8.97 3.44
N ARG B 233 16.93 8.22 2.76
CA ARG B 233 18.32 8.55 2.54
C ARG B 233 18.46 9.48 1.35
N ASP B 234 19.25 10.53 1.48
CA ASP B 234 19.53 11.38 0.31
C ASP B 234 20.08 10.50 -0.81
N GLY B 235 19.71 10.81 -2.03
CA GLY B 235 20.08 10.13 -3.24
C GLY B 235 19.49 8.74 -3.37
N LYS B 236 18.70 8.24 -2.42
CA LYS B 236 17.99 6.98 -2.55
C LYS B 236 16.48 7.25 -2.69
N TYR B 237 15.79 6.24 -3.22
CA TYR B 237 14.37 6.37 -3.55
C TYR B 237 13.62 5.12 -3.13
N GLY B 238 12.33 5.29 -2.86
CA GLY B 238 11.57 4.09 -2.51
C GLY B 238 11.13 3.41 -3.79
N PHE B 239 11.07 2.09 -3.79
CA PHE B 239 10.68 1.35 -5.00
C PHE B 239 9.33 0.68 -4.73
N TYR B 240 8.51 0.66 -5.75
CA TYR B 240 7.13 0.22 -5.70
C TYR B 240 6.84 -0.78 -6.79
N THR B 241 6.07 -1.82 -6.46
CA THR B 241 5.57 -2.68 -7.54
C THR B 241 4.61 -1.89 -8.44
N HIS B 242 4.77 -2.09 -9.75
CA HIS B 242 3.97 -1.46 -10.79
C HIS B 242 2.69 -2.25 -10.99
N VAL B 243 1.63 -1.78 -10.33
CA VAL B 243 0.39 -2.54 -10.30
C VAL B 243 -0.17 -2.76 -11.70
N PHE B 244 -0.18 -1.72 -12.53
CA PHE B 244 -0.79 -1.91 -13.84
C PHE B 244 -0.07 -3.00 -14.64
N ARG B 245 1.25 -3.08 -14.48
CA ARG B 245 2.01 -4.06 -15.25
C ARG B 245 1.66 -5.48 -14.87
N LEU B 246 1.07 -5.65 -13.68
CA LEU B 246 0.79 -7.00 -13.23
C LEU B 246 -0.72 -7.27 -13.22
N LYS B 247 -1.50 -6.42 -13.89
CA LYS B 247 -2.96 -6.55 -13.72
C LYS B 247 -3.53 -7.79 -14.41
N LYS B 248 -2.86 -8.21 -15.47
CA LYS B 248 -3.29 -9.43 -16.15
C LYS B 248 -3.31 -10.55 -15.12
N TRP B 249 -2.22 -10.66 -14.35
CA TRP B 249 -2.17 -11.68 -13.32
C TRP B 249 -3.27 -11.50 -12.29
N ILE B 250 -3.50 -10.24 -11.88
CA ILE B 250 -4.52 -9.96 -10.88
C ILE B 250 -5.91 -10.38 -11.34
N GLN B 251 -6.19 -10.13 -12.63
CA GLN B 251 -7.54 -10.39 -13.14
C GLN B 251 -7.77 -11.88 -13.28
N LYS B 252 -6.74 -12.54 -13.79
CA LYS B 252 -6.73 -13.99 -13.91
C LYS B 252 -7.05 -14.61 -12.55
N VAL B 253 -6.33 -14.21 -11.49
CA VAL B 253 -6.57 -14.82 -10.19
C VAL B 253 -8.02 -14.59 -9.79
N ILE B 254 -8.43 -13.33 -9.91
CA ILE B 254 -9.76 -12.92 -9.45
C ILE B 254 -10.82 -13.60 -10.30
N ASP B 255 -10.55 -13.74 -11.60
CA ASP B 255 -11.43 -14.46 -12.52
C ASP B 255 -11.52 -15.96 -12.27
N GLN B 256 -10.40 -16.62 -11.99
CA GLN B 256 -10.46 -18.07 -11.78
C GLN B 256 -10.90 -18.40 -10.37
N PHE B 257 -10.60 -17.50 -9.42
CA PHE B 257 -10.94 -17.88 -8.04
C PHE B 257 -12.02 -16.99 -7.46
N GLY B 258 -12.58 -16.12 -8.29
CA GLY B 258 -13.69 -15.23 -8.03
C GLY B 258 -13.43 -14.30 -6.84
N ASP C 2 2.66 -4.68 22.83
CA ASP C 2 2.55 -3.30 22.35
C ASP C 2 1.14 -3.03 21.84
N PHE C 3 0.53 -4.10 21.33
CA PHE C 3 -0.77 -4.09 20.71
C PHE C 3 -1.90 -4.50 21.63
N GLU C 4 -2.97 -3.71 21.62
CA GLU C 4 -4.16 -4.09 22.37
C GLU C 4 -4.69 -5.43 21.90
N GLU C 5 -4.97 -6.33 22.84
CA GLU C 5 -5.47 -7.66 22.48
C GLU C 5 -6.79 -7.55 21.73
N ILE C 6 -7.04 -8.49 20.81
CA ILE C 6 -8.27 -8.38 20.03
C ILE C 6 -9.29 -9.41 20.51
N PRO C 7 -10.55 -9.25 20.17
CA PRO C 7 -11.59 -10.21 20.57
C PRO C 7 -11.26 -11.64 20.14
N GLU C 8 -11.28 -12.52 21.13
CA GLU C 8 -10.98 -13.94 21.02
C GLU C 8 -11.65 -14.58 19.81
N GLU C 9 -12.84 -14.10 19.46
CA GLU C 9 -13.55 -14.67 18.32
C GLU C 9 -12.67 -14.63 17.06
N TYS C 10 -11.83 -13.61 16.99
CA TYS C 10 -10.97 -13.50 15.74
CB TYS C 10 -10.49 -12.04 15.62
CG TYS C 10 -11.71 -11.13 15.50
CD1 TYS C 10 -12.68 -11.37 14.50
CD2 TYS C 10 -11.84 -10.04 16.38
CE1 TYS C 10 -13.76 -10.48 14.34
CE2 TYS C 10 -12.95 -9.19 16.25
CZ TYS C 10 -13.93 -9.42 15.25
OH TYS C 10 -15.01 -8.60 15.14
S TYS C 10 -14.85 -7.31 14.31
O1 TYS C 10 -14.81 -7.66 12.83
O2 TYS C 10 -16.10 -6.64 14.51
O3 TYS C 10 -13.65 -6.68 14.75
C TYS C 10 -9.73 -14.38 15.78
O TYS C 10 -9.23 -14.75 14.74
N LEU C 11 -9.36 -14.82 16.99
CA LEU C 11 -8.24 -15.74 17.12
C LEU C 11 -8.72 -17.18 17.04
NA NA D . 15.75 9.83 -0.60
NA NA E . 22.65 1.51 -11.09
N13 29U F . 16.68 -3.01 2.07
C5 29U F . 16.30 -4.13 1.17
C14 29U F . 14.80 -4.35 1.17
O32 29U F . 14.14 -3.31 1.05
C33 29U F . 16.73 -3.66 -0.25
C48 29U F . 16.75 -4.56 -1.49
N1 29U F . 14.20 -5.56 1.29
C1 29U F . 12.75 -5.67 1.29
C7 29U F . 12.19 -4.80 2.40
O22 29U F . 12.78 -4.78 3.47
C2 29U F . 12.53 -7.16 1.68
C3 29U F . 13.81 -7.80 1.08
C4 29U F . 14.92 -6.82 1.54
N23 29U F . 11.06 -4.11 2.12
C24 29U F . 10.56 -3.23 3.17
C25 29U F . 10.86 -1.77 2.73
C30 29U F . 12.13 -1.24 2.91
C29 29U F . 12.42 0.07 2.51
C28 29U F . 11.42 0.86 1.94
C21 29U F . 11.72 2.36 1.48
N46 29U F . 12.74 2.99 2.04
N47 29U F . 10.97 2.93 0.58
C27 29U F . 10.14 0.31 1.76
C26 29U F . 9.86 -0.99 2.16
#